data_2F9V
#
_entry.id   2F9V
#
_cell.length_a   222.811
_cell.length_b   222.811
_cell.length_c   75.266
_cell.angle_alpha   90.00
_cell.angle_beta   90.00
_cell.angle_gamma   120.00
#
_symmetry.space_group_name_H-M   'H 3 2'
#
loop_
_entity.id
_entity.type
_entity.pdbx_description
1 polymer 'NS3 protease/helicase'
2 polymer polyprotein
3 non-polymer 'ZINC ION'
4 non-polymer '(2S,8R,9S,15S)-15-CYCLOHEXYL-9,12-BIS(CYCLOPROPYLMETHYL)-8-HYDROXY-20-METHYL-4,7,11,14,17-PENTAOXO-2-PHENYL-18-OXA-3,6,10,12,13,16-HEXAAZAHENICOSAN-1-OIC ACID'
5 water water
#
loop_
_entity_poly.entity_id
_entity_poly.type
_entity_poly.pdbx_seq_one_letter_code
_entity_poly.pdbx_strand_id
1 'polypeptide(L)'
;MGASMTGGQQMGAPITAYAQQTRGLLGCIITSLTGRDKNQVEGEVQIVSTATQTFLATCINGVCWTVYHGAGTRTIASPK
GPVIQMYTNVDQDLVGWPAPQGSRSLTPCTCGSSDLYLVTRHADVIPVRRRGDSRGSLLSPRPISYLKGSSGGPLLCPAG
HAVGLFRAAVCTRGVAKAVDFIPVENLETTMRSGSHHHHHH
;
A,C
2 'polypeptide(L)' KKGSVVIVGRIVLSGKPAIIPKK B,D
#
loop_
_chem_comp.id
_chem_comp.type
_chem_comp.name
_chem_comp.formula
BN6 non-polymer '(2S,8R,9S,15S)-15-CYCLOHEXYL-9,12-BIS(CYCLOPROPYLMETHYL)-8-HYDROXY-20-METHYL-4,7,11,14,17-PENTAOXO-2-PHENYL-18-OXA-3,6,10,12,13,16-HEXAAZAHENICOSAN-1-OIC ACID' 'C35 H52 N6 O9'
ZN non-polymer 'ZINC ION' 'Zn 2'
#
# COMPACT_ATOMS: atom_id res chain seq x y z
N MET A 11 10.48 4.36 8.87
CA MET A 11 9.24 4.15 8.06
C MET A 11 8.35 5.36 8.23
N GLY A 12 7.57 5.66 7.19
CA GLY A 12 6.68 6.80 7.23
C GLY A 12 5.62 6.67 6.15
N ALA A 13 5.31 7.79 5.51
CA ALA A 13 4.29 7.84 4.47
C ALA A 13 4.94 8.28 3.14
N PRO A 14 4.27 8.00 2.00
CA PRO A 14 2.98 7.32 1.92
C PRO A 14 3.11 5.83 2.24
N ILE A 15 2.08 5.25 2.84
CA ILE A 15 2.09 3.83 3.17
C ILE A 15 1.80 3.00 1.92
N THR A 16 2.78 2.22 1.48
CA THR A 16 2.58 1.34 0.33
C THR A 16 2.96 -0.06 0.81
N ALA A 17 2.28 -1.07 0.30
CA ALA A 17 2.57 -2.43 0.73
C ALA A 17 2.51 -3.38 -0.43
N TYR A 18 3.30 -4.45 -0.35
CA TYR A 18 3.27 -5.48 -1.37
C TYR A 18 3.30 -6.85 -0.69
N ALA A 19 2.74 -7.85 -1.36
CA ALA A 19 2.66 -9.19 -0.81
C ALA A 19 3.47 -10.19 -1.65
N GLN A 20 3.91 -11.27 -1.02
CA GLN A 20 4.68 -12.31 -1.68
C GLN A 20 4.30 -13.65 -1.08
N GLN A 21 3.82 -14.58 -1.91
CA GLN A 21 3.50 -15.91 -1.41
C GLN A 21 4.81 -16.67 -1.32
N THR A 22 4.98 -17.43 -0.25
CA THR A 22 6.21 -18.16 -0.03
C THR A 22 5.98 -19.64 0.07
N ARG A 23 4.74 -20.06 0.29
CA ARG A 23 4.46 -21.47 0.39
C ARG A 23 3.11 -21.77 -0.18
N GLY A 24 2.93 -23.03 -0.53
CA GLY A 24 1.67 -23.49 -1.08
C GLY A 24 1.01 -24.48 -0.14
N LEU A 25 -0.20 -24.90 -0.50
CA LEU A 25 -0.98 -25.83 0.30
C LEU A 25 -0.22 -27.03 0.86
N LEU A 26 0.46 -27.78 0.02
CA LEU A 26 1.19 -28.96 0.48
C LEU A 26 2.41 -28.61 1.33
N GLY A 27 3.15 -27.60 0.92
CA GLY A 27 4.34 -27.20 1.66
C GLY A 27 3.95 -26.68 3.02
N CYS A 28 2.78 -26.07 3.09
CA CYS A 28 2.28 -25.51 4.33
C CYS A 28 1.93 -26.66 5.28
N ILE A 29 1.25 -27.69 4.77
CA ILE A 29 0.86 -28.84 5.58
C ILE A 29 2.07 -29.58 6.14
N ILE A 30 3.03 -29.89 5.28
CA ILE A 30 4.25 -30.58 5.71
C ILE A 30 4.94 -29.77 6.80
N THR A 31 5.09 -28.48 6.54
CA THR A 31 5.74 -27.59 7.49
C THR A 31 4.94 -27.47 8.78
N SER A 32 3.62 -27.52 8.65
CA SER A 32 2.75 -27.41 9.81
C SER A 32 3.03 -28.59 10.72
N LEU A 33 3.05 -29.79 10.14
CA LEU A 33 3.30 -31.03 10.88
C LEU A 33 4.73 -31.09 11.39
N THR A 34 5.69 -30.96 10.49
CA THR A 34 7.09 -31.04 10.89
C THR A 34 7.43 -29.92 11.88
N GLY A 35 6.84 -28.76 11.64
CA GLY A 35 7.08 -27.62 12.50
C GLY A 35 8.44 -27.02 12.23
N ARG A 36 9.05 -27.39 11.10
CA ARG A 36 10.37 -26.87 10.76
C ARG A 36 10.32 -26.15 9.44
N ASP A 37 10.38 -24.83 9.49
CA ASP A 37 10.34 -23.99 8.29
C ASP A 37 11.69 -23.32 8.10
N LYS A 38 12.43 -23.78 7.11
CA LYS A 38 13.75 -23.21 6.84
C LYS A 38 13.72 -22.03 5.86
N ASN A 39 12.52 -21.62 5.44
CA ASN A 39 12.35 -20.51 4.51
C ASN A 39 12.86 -19.18 5.01
N GLN A 40 13.27 -18.32 4.08
CA GLN A 40 13.75 -16.98 4.39
C GLN A 40 12.53 -16.15 4.74
N VAL A 41 12.66 -15.35 5.80
CA VAL A 41 11.55 -14.51 6.21
C VAL A 41 11.93 -13.04 6.17
N GLU A 42 11.06 -12.24 5.56
CA GLU A 42 11.26 -10.80 5.43
C GLU A 42 9.94 -10.10 5.65
N GLY A 43 9.99 -8.81 5.98
CA GLY A 43 8.77 -8.05 6.17
C GLY A 43 8.31 -7.84 7.59
N GLU A 44 7.33 -6.95 7.77
CA GLU A 44 6.79 -6.65 9.08
C GLU A 44 5.50 -7.40 9.37
N VAL A 45 4.83 -7.83 8.31
CA VAL A 45 3.58 -8.57 8.44
C VAL A 45 3.75 -9.91 7.72
N GLN A 46 3.49 -11.00 8.43
CA GLN A 46 3.61 -12.35 7.87
C GLN A 46 2.24 -12.95 7.61
N ILE A 47 2.03 -13.45 6.39
CA ILE A 47 0.77 -14.10 6.03
C ILE A 47 0.90 -15.48 6.63
N VAL A 48 0.04 -15.76 7.59
CA VAL A 48 0.10 -17.00 8.34
C VAL A 48 -1.05 -17.97 8.10
N SER A 49 -0.76 -19.26 8.27
CA SER A 49 -1.77 -20.25 8.03
C SER A 49 -1.66 -21.49 8.93
N THR A 50 -2.78 -22.18 9.07
CA THR A 50 -2.88 -23.41 9.84
C THR A 50 -3.65 -24.32 8.89
N ALA A 51 -3.92 -25.56 9.28
CA ALA A 51 -4.69 -26.46 8.42
C ALA A 51 -6.14 -25.98 8.35
N THR A 52 -6.51 -25.18 9.34
CA THR A 52 -7.85 -24.63 9.47
C THR A 52 -8.06 -23.37 8.62
N GLN A 53 -7.39 -22.29 9.00
CA GLN A 53 -7.56 -21.00 8.33
C GLN A 53 -6.28 -20.23 8.12
N THR A 54 -6.37 -19.14 7.36
CA THR A 54 -5.21 -18.28 7.11
C THR A 54 -5.58 -16.87 7.52
N PHE A 55 -4.59 -16.18 8.06
CA PHE A 55 -4.76 -14.83 8.56
C PHE A 55 -3.40 -14.16 8.58
N LEU A 56 -3.26 -13.10 9.37
CA LEU A 56 -1.99 -12.39 9.43
C LEU A 56 -1.44 -12.29 10.83
N ALA A 57 -0.12 -12.05 10.92
CA ALA A 57 0.60 -11.88 12.17
C ALA A 57 1.49 -10.66 11.91
N THR A 58 1.55 -9.72 12.85
CA THR A 58 2.32 -8.50 12.70
C THR A 58 3.44 -8.40 13.70
N CYS A 59 4.63 -8.03 13.24
CA CYS A 59 5.76 -7.88 14.15
C CYS A 59 5.84 -6.46 14.72
N ILE A 60 5.71 -6.34 16.03
CA ILE A 60 5.80 -5.05 16.69
C ILE A 60 6.79 -5.25 17.82
N ASN A 61 7.83 -4.42 17.83
CA ASN A 61 8.87 -4.47 18.86
C ASN A 61 9.42 -5.86 19.11
N GLY A 62 9.89 -6.50 18.06
CA GLY A 62 10.47 -7.82 18.18
C GLY A 62 9.55 -8.99 18.47
N VAL A 63 8.25 -8.73 18.56
CA VAL A 63 7.30 -9.79 18.83
C VAL A 63 6.32 -9.91 17.67
N CYS A 64 6.11 -11.14 17.21
CA CYS A 64 5.22 -11.44 16.11
C CYS A 64 3.83 -11.70 16.69
N TRP A 65 2.99 -10.68 16.67
CA TRP A 65 1.64 -10.79 17.21
C TRP A 65 0.59 -11.22 16.25
N THR A 66 -0.39 -11.99 16.73
CA THR A 66 -1.51 -12.37 15.89
C THR A 66 -2.75 -12.56 16.76
N VAL A 67 -3.86 -12.83 16.11
CA VAL A 67 -5.13 -12.98 16.77
C VAL A 67 -5.31 -14.43 17.34
N TYR A 68 -5.75 -14.53 18.59
CA TYR A 68 -5.95 -15.82 19.27
C TYR A 68 -6.98 -16.71 18.58
N HIS A 69 -8.01 -16.12 17.98
CA HIS A 69 -9.03 -16.91 17.31
C HIS A 69 -8.55 -17.57 16.03
N GLY A 70 -7.29 -17.36 15.71
CA GLY A 70 -6.70 -17.94 14.52
C GLY A 70 -5.58 -18.87 14.91
N ALA A 71 -4.63 -18.37 15.70
CA ALA A 71 -3.47 -19.14 16.14
C ALA A 71 -3.77 -20.04 17.32
N GLY A 72 -4.89 -19.80 17.99
CA GLY A 72 -5.22 -20.61 19.15
C GLY A 72 -4.01 -20.57 20.05
N THR A 73 -3.53 -21.73 20.45
CA THR A 73 -2.35 -21.77 21.29
C THR A 73 -1.24 -22.59 20.61
N ARG A 74 -1.32 -22.69 19.29
CA ARG A 74 -0.35 -23.44 18.49
C ARG A 74 1.03 -22.78 18.52
N THR A 75 2.02 -23.54 18.10
CA THR A 75 3.40 -23.06 18.03
C THR A 75 3.66 -22.55 16.61
N ILE A 76 4.68 -21.70 16.42
CA ILE A 76 4.97 -21.23 15.09
C ILE A 76 6.14 -22.03 14.53
N ALA A 77 6.00 -22.50 13.30
CA ALA A 77 7.04 -23.30 12.68
C ALA A 77 8.22 -22.40 12.37
N SER A 78 9.40 -22.78 12.84
CA SER A 78 10.57 -21.97 12.58
C SER A 78 11.68 -22.88 12.06
N PRO A 79 12.80 -22.29 11.63
CA PRO A 79 13.87 -23.14 11.13
C PRO A 79 14.50 -24.02 12.18
N LYS A 80 14.11 -23.81 13.44
CA LYS A 80 14.64 -24.61 14.54
C LYS A 80 13.55 -25.44 15.21
N GLY A 81 12.50 -25.75 14.45
CA GLY A 81 11.41 -26.51 15.02
C GLY A 81 10.33 -25.57 15.50
N PRO A 82 9.27 -26.10 16.13
CA PRO A 82 8.17 -25.27 16.62
C PRO A 82 8.65 -24.33 17.67
N VAL A 83 8.06 -23.15 17.71
CA VAL A 83 8.41 -22.15 18.71
C VAL A 83 7.17 -21.88 19.52
N ILE A 84 7.29 -22.08 20.83
CA ILE A 84 6.17 -21.86 21.74
C ILE A 84 5.87 -20.37 21.84
N GLN A 85 4.61 -20.05 22.09
CA GLN A 85 4.22 -18.66 22.21
C GLN A 85 4.85 -17.98 23.40
N MET A 86 5.14 -16.69 23.23
CA MET A 86 5.69 -15.85 24.28
C MET A 86 4.54 -15.27 25.09
N TYR A 87 3.42 -15.01 24.43
CA TYR A 87 2.26 -14.45 25.10
C TYR A 87 0.99 -15.08 24.55
N THR A 88 0.06 -15.36 25.44
CA THR A 88 -1.23 -15.93 25.06
C THR A 88 -2.20 -15.13 25.94
N ASN A 89 -3.31 -14.66 25.36
CA ASN A 89 -4.28 -13.90 26.13
C ASN A 89 -5.65 -14.06 25.51
N VAL A 90 -6.27 -15.18 25.82
CA VAL A 90 -7.58 -15.52 25.29
C VAL A 90 -8.57 -14.38 25.39
N ASP A 91 -8.48 -13.60 26.45
CA ASP A 91 -9.40 -12.49 26.64
C ASP A 91 -9.11 -11.35 25.68
N GLN A 92 -7.83 -10.95 25.58
CA GLN A 92 -7.45 -9.85 24.69
C GLN A 92 -7.45 -10.32 23.24
N ASP A 93 -7.51 -11.64 23.07
CA ASP A 93 -7.52 -12.30 21.78
C ASP A 93 -6.16 -12.13 21.15
N LEU A 94 -5.12 -12.24 21.97
CA LEU A 94 -3.74 -12.05 21.51
C LEU A 94 -2.82 -13.20 21.82
N VAL A 95 -1.89 -13.45 20.92
CA VAL A 95 -0.84 -14.45 21.13
C VAL A 95 0.35 -13.78 20.46
N GLY A 96 1.56 -14.11 20.89
CA GLY A 96 2.73 -13.52 20.31
C GLY A 96 3.88 -14.47 20.46
N TRP A 97 4.65 -14.66 19.40
CA TRP A 97 5.83 -15.53 19.37
C TRP A 97 7.01 -14.60 19.15
N PRO A 98 8.23 -15.08 19.35
CA PRO A 98 9.34 -14.14 19.11
C PRO A 98 9.30 -13.89 17.61
N ALA A 99 9.46 -12.64 17.18
CA ALA A 99 9.42 -12.34 15.75
C ALA A 99 10.48 -13.15 15.05
N PRO A 100 10.12 -13.81 13.92
CA PRO A 100 11.12 -14.60 13.22
C PRO A 100 12.36 -13.82 12.81
N GLN A 101 13.50 -14.49 12.80
CA GLN A 101 14.77 -13.87 12.42
C GLN A 101 14.65 -13.48 10.94
N GLY A 102 14.73 -12.19 10.66
CA GLY A 102 14.63 -11.74 9.30
C GLY A 102 13.50 -10.74 9.13
N SER A 103 12.51 -10.82 10.01
CA SER A 103 11.38 -9.91 9.95
C SER A 103 11.83 -8.56 10.48
N ARG A 104 11.02 -7.54 10.18
CA ARG A 104 11.28 -6.18 10.63
C ARG A 104 10.05 -5.74 11.45
N SER A 105 10.28 -5.13 12.61
CA SER A 105 9.16 -4.73 13.44
C SER A 105 8.63 -3.32 13.26
N LEU A 106 7.34 -3.18 13.46
CA LEU A 106 6.69 -1.89 13.41
C LEU A 106 6.88 -1.37 14.83
N THR A 107 6.56 -0.10 15.04
CA THR A 107 6.66 0.50 16.36
C THR A 107 5.32 1.12 16.68
N PRO A 108 4.90 1.03 17.95
CA PRO A 108 3.62 1.59 18.37
C PRO A 108 3.50 3.08 18.06
N CYS A 109 2.26 3.51 17.81
CA CYS A 109 1.96 4.88 17.51
C CYS A 109 2.15 5.70 18.76
N THR A 110 2.59 6.93 18.56
CA THR A 110 2.86 7.87 19.63
C THR A 110 2.40 9.28 19.21
N CYS A 111 1.39 9.35 18.37
CA CYS A 111 0.89 10.65 17.91
C CYS A 111 -0.59 10.78 18.16
N GLY A 112 -1.20 9.69 18.63
CA GLY A 112 -2.63 9.69 18.88
C GLY A 112 -3.47 10.03 17.67
N SER A 113 -2.98 9.75 16.46
CA SER A 113 -3.74 10.05 15.26
C SER A 113 -5.07 9.29 15.22
N SER A 114 -6.09 9.97 14.73
CA SER A 114 -7.44 9.43 14.61
C SER A 114 -7.63 8.84 13.23
N ASP A 115 -6.69 9.15 12.34
CA ASP A 115 -6.74 8.67 10.96
C ASP A 115 -5.84 7.44 10.82
N LEU A 116 -6.47 6.27 10.78
CA LEU A 116 -5.75 4.99 10.67
C LEU A 116 -5.85 4.37 9.28
N TYR A 117 -4.94 3.44 9.00
CA TYR A 117 -4.91 2.75 7.72
C TYR A 117 -4.74 1.26 7.98
N LEU A 118 -5.72 0.46 7.60
CA LEU A 118 -5.67 -1.00 7.80
C LEU A 118 -5.04 -1.68 6.58
N VAL A 119 -4.03 -2.52 6.82
CA VAL A 119 -3.35 -3.26 5.73
C VAL A 119 -3.95 -4.66 5.62
N THR A 120 -4.69 -4.91 4.54
CA THR A 120 -5.32 -6.20 4.28
C THR A 120 -4.29 -7.23 3.82
N ARG A 121 -4.67 -8.51 3.87
CA ARG A 121 -3.79 -9.61 3.44
C ARG A 121 -3.36 -9.53 1.98
N HIS A 122 -4.05 -8.70 1.20
CA HIS A 122 -3.72 -8.53 -0.21
C HIS A 122 -2.80 -7.34 -0.37
N ALA A 123 -2.31 -6.83 0.75
CA ALA A 123 -1.42 -5.69 0.77
C ALA A 123 -2.12 -4.42 0.29
N ASP A 124 -3.41 -4.29 0.60
CA ASP A 124 -4.15 -3.09 0.26
C ASP A 124 -4.19 -2.29 1.53
N VAL A 125 -4.01 -0.98 1.43
CA VAL A 125 -4.06 -0.11 2.59
C VAL A 125 -5.39 0.60 2.51
N ILE A 126 -6.22 0.48 3.53
CA ILE A 126 -7.52 1.12 3.49
C ILE A 126 -7.75 2.07 4.67
N PRO A 127 -8.18 3.30 4.38
CA PRO A 127 -8.44 4.30 5.42
C PRO A 127 -9.53 3.89 6.38
N VAL A 128 -9.27 4.16 7.66
CA VAL A 128 -10.19 3.83 8.73
C VAL A 128 -10.19 5.01 9.70
N ARG A 129 -11.37 5.55 9.99
CA ARG A 129 -11.48 6.67 10.92
C ARG A 129 -11.79 6.13 12.31
N ARG A 130 -10.87 6.36 13.24
CA ARG A 130 -11.02 5.89 14.61
C ARG A 130 -12.27 6.51 15.24
N ARG A 131 -13.14 5.65 15.77
CA ARG A 131 -14.37 6.10 16.41
C ARG A 131 -14.42 5.47 17.80
N GLY A 132 -13.26 5.36 18.44
CA GLY A 132 -13.20 4.77 19.77
C GLY A 132 -11.91 4.01 19.98
N ASP A 133 -11.67 3.58 21.21
CA ASP A 133 -10.45 2.86 21.56
C ASP A 133 -10.20 1.55 20.84
N SER A 134 -11.26 0.90 20.37
CA SER A 134 -11.12 -0.36 19.69
C SER A 134 -12.02 -0.46 18.46
N ARG A 135 -12.27 0.68 17.82
CA ARG A 135 -13.12 0.70 16.62
C ARG A 135 -12.80 1.88 15.73
N GLY A 136 -13.12 1.71 14.46
CA GLY A 136 -12.89 2.74 13.45
C GLY A 136 -13.81 2.36 12.31
N SER A 137 -14.15 3.31 11.46
CA SER A 137 -15.04 3.04 10.34
C SER A 137 -14.35 3.24 8.99
N LEU A 138 -14.66 2.34 8.06
CA LEU A 138 -14.07 2.43 6.74
C LEU A 138 -14.67 3.67 6.10
N LEU A 139 -13.82 4.54 5.55
CA LEU A 139 -14.32 5.74 4.89
C LEU A 139 -14.97 5.29 3.58
N SER A 140 -14.49 4.17 3.08
CA SER A 140 -15.00 3.56 1.85
C SER A 140 -15.17 2.05 2.13
N PRO A 141 -16.35 1.67 2.64
CA PRO A 141 -16.71 0.28 2.96
C PRO A 141 -16.39 -0.72 1.87
N ARG A 142 -16.28 -1.99 2.25
CA ARG A 142 -15.93 -3.03 1.32
C ARG A 142 -16.68 -4.30 1.72
N PRO A 143 -16.87 -5.23 0.78
CA PRO A 143 -17.55 -6.47 1.12
C PRO A 143 -16.67 -7.22 2.13
N ILE A 144 -17.30 -7.90 3.06
CA ILE A 144 -16.58 -8.62 4.11
C ILE A 144 -15.48 -9.53 3.59
N SER A 145 -15.62 -10.02 2.35
CA SER A 145 -14.64 -10.92 1.75
C SER A 145 -13.27 -10.26 1.47
N TYR A 146 -13.28 -8.95 1.27
CA TYR A 146 -12.06 -8.19 1.01
C TYR A 146 -11.18 -8.36 2.25
N LEU A 147 -11.84 -8.34 3.40
CA LEU A 147 -11.21 -8.45 4.70
C LEU A 147 -10.93 -9.87 5.21
N LYS A 148 -11.64 -10.89 4.75
CA LYS A 148 -11.37 -12.24 5.23
C LYS A 148 -9.90 -12.56 5.07
N GLY A 149 -9.33 -13.21 6.08
CA GLY A 149 -7.92 -13.54 6.05
C GLY A 149 -7.04 -12.43 6.57
N SER A 150 -7.61 -11.28 6.88
CA SER A 150 -6.83 -10.16 7.38
C SER A 150 -6.70 -10.00 8.91
N SER A 151 -7.29 -10.91 9.68
CA SER A 151 -7.21 -10.84 11.16
C SER A 151 -5.77 -10.95 11.63
N GLY A 152 -5.35 -10.01 12.45
CA GLY A 152 -3.98 -9.99 12.94
C GLY A 152 -3.18 -8.92 12.21
N GLY A 153 -3.71 -8.43 11.09
CA GLY A 153 -3.03 -7.41 10.31
C GLY A 153 -2.94 -6.11 11.07
N PRO A 154 -2.03 -5.22 10.70
CA PRO A 154 -1.88 -3.94 11.40
C PRO A 154 -2.80 -2.79 10.99
N LEU A 155 -2.98 -1.87 11.93
CA LEU A 155 -3.75 -0.64 11.71
C LEU A 155 -2.71 0.40 12.02
N LEU A 156 -2.40 1.25 11.05
CA LEU A 156 -1.37 2.26 11.22
C LEU A 156 -1.87 3.71 11.20
N CYS A 157 -1.05 4.60 11.75
CA CYS A 157 -1.33 6.02 11.75
C CYS A 157 -0.50 6.53 10.55
N PRO A 158 -0.73 7.77 10.08
CA PRO A 158 0.02 8.30 8.93
C PRO A 158 1.53 8.10 8.81
N ALA A 159 2.20 7.74 9.91
CA ALA A 159 3.66 7.57 9.85
C ALA A 159 4.06 6.09 9.82
N GLY A 160 3.07 5.22 9.68
CA GLY A 160 3.33 3.79 9.61
C GLY A 160 3.69 3.13 10.93
N HIS A 161 3.08 3.61 12.00
CA HIS A 161 3.33 3.02 13.31
C HIS A 161 2.09 2.29 13.73
N ALA A 162 2.28 1.16 14.41
CA ALA A 162 1.17 0.33 14.83
C ALA A 162 0.24 0.98 15.82
N VAL A 163 -1.05 0.98 15.49
CA VAL A 163 -2.08 1.52 16.36
C VAL A 163 -2.90 0.34 16.92
N GLY A 164 -2.96 -0.75 16.17
CA GLY A 164 -3.71 -1.90 16.62
C GLY A 164 -3.69 -2.99 15.58
N LEU A 165 -4.21 -4.15 15.95
CA LEU A 165 -4.30 -5.35 15.12
C LEU A 165 -5.78 -5.61 14.78
N PHE A 166 -6.09 -5.76 13.48
CA PHE A 166 -7.45 -6.03 13.03
C PHE A 166 -7.98 -7.31 13.69
N ARG A 167 -9.19 -7.27 14.22
CA ARG A 167 -9.73 -8.44 14.90
C ARG A 167 -11.00 -9.01 14.27
N ALA A 168 -11.98 -8.14 14.09
CA ALA A 168 -13.26 -8.53 13.53
C ALA A 168 -13.82 -7.32 12.80
N ALA A 169 -14.68 -7.55 11.81
CA ALA A 169 -15.25 -6.45 11.07
C ALA A 169 -16.73 -6.32 11.38
N VAL A 170 -17.16 -5.10 11.64
CA VAL A 170 -18.57 -4.83 11.93
C VAL A 170 -19.24 -4.61 10.58
N CYS A 171 -19.71 -5.70 10.00
CA CYS A 171 -20.36 -5.65 8.71
C CYS A 171 -21.83 -5.96 8.82
N THR A 172 -22.59 -5.41 7.88
CA THR A 172 -24.02 -5.59 7.83
C THR A 172 -24.42 -5.75 6.38
N ARG A 173 -25.30 -6.71 6.12
CA ARG A 173 -25.80 -6.97 4.78
C ARG A 173 -24.67 -7.49 3.88
N GLY A 174 -23.56 -7.87 4.50
CA GLY A 174 -22.42 -8.40 3.76
C GLY A 174 -21.34 -7.39 3.47
N VAL A 175 -21.50 -6.17 3.98
CA VAL A 175 -20.50 -5.14 3.75
C VAL A 175 -19.92 -4.63 5.04
N ALA A 176 -18.60 -4.64 5.13
CA ALA A 176 -17.90 -4.16 6.31
C ALA A 176 -17.91 -2.64 6.26
N LYS A 177 -18.48 -2.04 7.30
CA LYS A 177 -18.56 -0.60 7.37
C LYS A 177 -17.61 -0.09 8.45
N ALA A 178 -17.31 -0.95 9.41
CA ALA A 178 -16.41 -0.62 10.51
C ALA A 178 -15.63 -1.87 10.91
N VAL A 179 -14.58 -1.68 11.70
CA VAL A 179 -13.78 -2.81 12.15
C VAL A 179 -13.41 -2.66 13.62
N ASP A 180 -13.26 -3.78 14.31
CA ASP A 180 -12.86 -3.76 15.70
C ASP A 180 -11.43 -4.27 15.77
N PHE A 181 -10.61 -3.54 16.48
CA PHE A 181 -9.21 -3.90 16.62
C PHE A 181 -8.73 -4.01 18.04
N ILE A 182 -7.51 -4.49 18.17
CA ILE A 182 -6.88 -4.67 19.46
C ILE A 182 -5.84 -3.55 19.51
N PRO A 183 -6.12 -2.48 20.28
CA PRO A 183 -5.17 -1.38 20.38
C PRO A 183 -3.83 -1.83 20.90
N VAL A 184 -2.76 -1.21 20.40
CA VAL A 184 -1.42 -1.56 20.81
C VAL A 184 -1.22 -1.55 22.34
N GLU A 185 -2.13 -0.92 23.06
CA GLU A 185 -2.02 -0.85 24.52
C GLU A 185 -2.25 -2.22 25.13
N ASN A 186 -3.19 -2.96 24.57
CA ASN A 186 -3.49 -4.31 25.06
C ASN A 186 -2.25 -5.18 24.87
N LEU A 187 -1.45 -4.82 23.88
CA LEU A 187 -0.22 -5.56 23.62
C LEU A 187 0.71 -5.36 24.78
N GLU A 188 0.69 -4.18 25.38
CA GLU A 188 1.55 -3.92 26.54
C GLU A 188 1.02 -4.61 27.79
N THR A 189 -0.28 -4.50 28.02
CA THR A 189 -0.89 -5.12 29.19
C THR A 189 -0.76 -6.63 29.14
N THR A 190 -0.72 -7.18 27.94
CA THR A 190 -0.58 -8.62 27.75
C THR A 190 0.85 -9.09 28.01
N MET A 191 1.83 -8.17 27.86
CA MET A 191 3.23 -8.51 28.09
C MET A 191 3.57 -8.46 29.56
N ARG A 192 3.04 -7.46 30.26
CA ARG A 192 3.29 -7.30 31.68
C ARG A 192 2.57 -8.39 32.48
N SER A 193 1.66 -9.08 31.81
CA SER A 193 0.88 -10.15 32.42
C SER A 193 0.28 -11.07 31.35
N LYS B 2 -1.81 -29.53 18.51
CA LYS B 2 -2.17 -29.40 17.07
C LYS B 2 -0.92 -29.04 16.27
N GLY B 3 -1.10 -28.86 14.96
CA GLY B 3 0.02 -28.52 14.11
C GLY B 3 0.45 -27.08 14.30
N SER B 4 1.61 -26.75 13.75
CA SER B 4 2.14 -25.41 13.85
C SER B 4 1.54 -24.43 12.85
N VAL B 5 1.52 -23.17 13.25
CA VAL B 5 1.07 -22.08 12.41
C VAL B 5 2.28 -21.92 11.49
N VAL B 6 2.03 -21.86 10.18
CA VAL B 6 3.11 -21.71 9.20
C VAL B 6 3.03 -20.40 8.42
N ILE B 7 4.18 -19.76 8.26
CA ILE B 7 4.26 -18.52 7.49
C ILE B 7 4.15 -18.93 6.04
N VAL B 8 3.06 -18.53 5.42
CA VAL B 8 2.74 -18.86 4.03
C VAL B 8 3.10 -17.73 3.04
N GLY B 9 3.42 -16.55 3.58
CA GLY B 9 3.76 -15.42 2.74
C GLY B 9 4.09 -14.21 3.59
N ARG B 10 4.07 -13.03 2.96
CA ARG B 10 4.36 -11.82 3.68
C ARG B 10 3.83 -10.59 2.98
N ILE B 11 3.85 -9.49 3.73
CA ILE B 11 3.40 -8.20 3.25
C ILE B 11 4.51 -7.28 3.70
N VAL B 12 5.07 -6.51 2.78
CA VAL B 12 6.18 -5.62 3.12
C VAL B 12 5.83 -4.15 2.98
N LEU B 13 5.98 -3.45 4.09
CA LEU B 13 5.70 -2.02 4.19
C LEU B 13 6.97 -1.18 3.96
N SER B 14 8.12 -1.77 4.25
CA SER B 14 9.42 -1.12 4.12
C SER B 14 9.77 -0.66 2.69
N GLY B 15 9.13 -1.26 1.69
CA GLY B 15 9.40 -0.89 0.31
C GLY B 15 8.97 0.52 0.01
N LYS B 16 9.54 1.10 -1.03
CA LYS B 16 9.25 2.48 -1.44
C LYS B 16 9.37 2.48 -2.96
N PRO B 17 8.75 3.45 -3.64
CA PRO B 17 8.80 3.54 -5.10
C PRO B 17 10.13 3.17 -5.71
N ALA B 18 10.08 2.36 -6.77
CA ALA B 18 11.28 1.93 -7.44
C ALA B 18 10.99 1.72 -8.91
N ILE B 19 11.94 2.13 -9.75
CA ILE B 19 11.80 1.96 -11.18
C ILE B 19 12.05 0.48 -11.37
N ILE B 20 11.06 -0.25 -11.86
CA ILE B 20 11.22 -1.69 -12.08
C ILE B 20 12.35 -1.95 -13.06
N PRO B 21 13.42 -2.60 -12.59
CA PRO B 21 14.57 -2.89 -13.47
C PRO B 21 14.20 -3.76 -14.65
N LYS B 22 14.86 -3.48 -15.77
CA LYS B 22 14.64 -4.20 -17.01
C LYS B 22 15.22 -5.62 -16.92
N LYS B 23 14.50 -6.57 -17.49
CA LYS B 23 14.88 -7.99 -17.50
C LYS B 23 15.65 -8.41 -18.77
N GLN C 40 4.41 -10.87 -13.51
CA GLN C 40 5.61 -10.30 -12.84
C GLN C 40 5.19 -9.02 -12.11
N VAL C 41 6.17 -8.33 -11.52
CA VAL C 41 5.91 -7.08 -10.83
C VAL C 41 5.22 -6.16 -11.83
N GLU C 42 4.18 -5.47 -11.38
CA GLU C 42 3.44 -4.56 -12.25
C GLU C 42 3.60 -3.16 -11.70
N GLY C 43 3.73 -2.19 -12.59
CA GLY C 43 3.90 -0.82 -12.13
C GLY C 43 2.65 0.00 -12.28
N GLU C 44 2.44 0.92 -11.34
CA GLU C 44 1.27 1.79 -11.38
C GLU C 44 1.61 3.01 -12.24
N VAL C 45 2.86 3.44 -12.16
CA VAL C 45 3.34 4.60 -12.91
C VAL C 45 4.23 4.18 -14.08
N GLN C 46 3.90 4.63 -15.28
CA GLN C 46 4.70 4.31 -16.47
C GLN C 46 5.52 5.53 -16.86
N ILE C 47 6.77 5.32 -17.21
CA ILE C 47 7.63 6.42 -17.66
C ILE C 47 7.52 6.42 -19.18
N VAL C 48 6.93 7.48 -19.73
CA VAL C 48 6.73 7.57 -21.18
C VAL C 48 7.50 8.65 -21.94
N SER C 49 7.55 8.50 -23.26
CA SER C 49 8.25 9.42 -24.13
C SER C 49 7.66 9.62 -25.53
N THR C 50 7.88 10.82 -26.04
CA THR C 50 7.45 11.24 -27.37
C THR C 50 8.74 11.83 -27.91
N ALA C 51 8.83 11.98 -29.23
CA ALA C 51 10.04 12.52 -29.85
C ALA C 51 10.48 13.81 -29.17
N THR C 52 9.50 14.60 -28.79
CA THR C 52 9.75 15.87 -28.15
C THR C 52 10.13 15.81 -26.67
N GLN C 53 9.51 14.91 -25.89
CA GLN C 53 9.77 14.87 -24.46
C GLN C 53 9.59 13.54 -23.74
N THR C 54 9.71 13.61 -22.41
CA THR C 54 9.55 12.46 -21.53
C THR C 54 8.80 12.95 -20.31
N PHE C 55 7.88 12.12 -19.82
CA PHE C 55 7.07 12.46 -18.68
C PHE C 55 6.52 11.17 -18.09
N LEU C 56 5.44 11.27 -17.34
CA LEU C 56 4.89 10.09 -16.71
C LEU C 56 3.42 9.90 -17.03
N ALA C 57 2.93 8.71 -16.74
CA ALA C 57 1.54 8.33 -16.91
C ALA C 57 1.22 7.53 -15.67
N THR C 58 -0.01 7.62 -15.18
CA THR C 58 -0.43 6.88 -13.98
C THR C 58 -1.70 6.12 -14.31
N CYS C 59 -1.75 4.86 -13.87
CA CYS C 59 -2.91 4.03 -14.13
C CYS C 59 -3.91 4.10 -12.97
N ILE C 60 -5.08 4.66 -13.23
CA ILE C 60 -6.13 4.74 -12.20
C ILE C 60 -7.42 4.24 -12.84
N ASN C 61 -8.08 3.30 -12.15
CA ASN C 61 -9.33 2.70 -12.60
C ASN C 61 -9.27 2.04 -13.97
N GLY C 62 -8.13 1.44 -14.29
CA GLY C 62 -8.00 0.76 -15.57
C GLY C 62 -7.62 1.63 -16.74
N VAL C 63 -7.34 2.90 -16.48
CA VAL C 63 -6.97 3.84 -17.52
C VAL C 63 -5.58 4.38 -17.20
N CYS C 64 -4.76 4.54 -18.24
CA CYS C 64 -3.41 5.07 -18.10
C CYS C 64 -3.53 6.55 -18.45
N TRP C 65 -3.56 7.40 -17.42
CA TRP C 65 -3.71 8.84 -17.56
C TRP C 65 -2.39 9.57 -17.61
N THR C 66 -2.38 10.72 -18.29
CA THR C 66 -1.20 11.56 -18.41
C THR C 66 -1.65 12.97 -18.81
N VAL C 67 -0.70 13.90 -18.84
CA VAL C 67 -0.98 15.28 -19.18
C VAL C 67 -1.05 15.50 -20.68
N TYR C 68 -2.12 16.15 -21.12
CA TYR C 68 -2.35 16.46 -22.54
C TYR C 68 -1.21 17.29 -23.11
N HIS C 69 -0.56 18.10 -22.27
CA HIS C 69 0.54 18.91 -22.76
C HIS C 69 1.79 18.05 -23.04
N GLY C 70 1.71 16.76 -22.75
CA GLY C 70 2.81 15.85 -22.98
C GLY C 70 2.43 14.93 -24.12
N ALA C 71 1.29 14.27 -23.96
CA ALA C 71 0.79 13.31 -24.96
C ALA C 71 0.10 13.94 -26.16
N GLY C 72 -0.72 14.95 -25.89
CA GLY C 72 -1.44 15.60 -26.95
C GLY C 72 -2.55 14.62 -27.27
N THR C 73 -2.63 14.19 -28.52
CA THR C 73 -3.65 13.24 -28.92
C THR C 73 -3.02 11.96 -29.44
N ARG C 74 -1.71 11.85 -29.26
CA ARG C 74 -0.99 10.68 -29.73
C ARG C 74 -1.56 9.42 -29.14
N THR C 75 -1.33 8.33 -29.85
CA THR C 75 -1.76 7.02 -29.42
C THR C 75 -0.63 6.45 -28.58
N ILE C 76 -0.89 5.45 -27.76
CA ILE C 76 0.21 4.85 -26.98
C ILE C 76 0.60 3.58 -27.72
N ALA C 77 1.90 3.28 -27.73
CA ALA C 77 2.39 2.10 -28.42
C ALA C 77 1.97 0.81 -27.70
N SER C 78 1.74 -0.27 -28.47
CA SER C 78 1.36 -1.59 -27.95
C SER C 78 1.95 -2.65 -28.89
N PRO C 79 2.22 -3.88 -28.38
CA PRO C 79 2.79 -4.95 -29.22
C PRO C 79 1.91 -5.30 -30.43
N LYS C 80 0.67 -4.82 -30.42
CA LYS C 80 -0.28 -5.09 -31.47
C LYS C 80 -0.62 -3.85 -32.29
N GLY C 81 0.16 -2.79 -32.09
CA GLY C 81 -0.06 -1.57 -32.83
C GLY C 81 -0.48 -0.45 -31.91
N PRO C 82 -0.50 0.80 -32.40
CA PRO C 82 -0.89 1.94 -31.59
C PRO C 82 -2.31 1.83 -31.11
N VAL C 83 -2.53 2.13 -29.84
CA VAL C 83 -3.86 2.11 -29.26
C VAL C 83 -4.20 3.56 -28.94
N ILE C 84 -5.40 3.97 -29.32
CA ILE C 84 -5.82 5.36 -29.14
C ILE C 84 -6.35 5.75 -27.78
N GLN C 85 -6.38 7.05 -27.53
CA GLN C 85 -6.88 7.60 -26.29
C GLN C 85 -8.35 7.26 -26.10
N MET C 86 -8.68 6.83 -24.89
CA MET C 86 -10.06 6.52 -24.52
C MET C 86 -10.71 7.85 -24.19
N TYR C 87 -9.96 8.69 -23.47
CA TYR C 87 -10.44 10.00 -23.07
C TYR C 87 -9.41 11.03 -23.46
N THR C 88 -9.87 12.21 -23.83
CA THR C 88 -9.01 13.32 -24.20
C THR C 88 -9.70 14.57 -23.69
N ASN C 89 -9.36 14.98 -22.48
CA ASN C 89 -9.96 16.16 -21.89
C ASN C 89 -8.96 17.29 -21.99
N VAL C 90 -8.83 17.83 -23.19
CA VAL C 90 -7.90 18.90 -23.47
C VAL C 90 -8.00 20.05 -22.47
N ASP C 91 -9.21 20.35 -22.01
CA ASP C 91 -9.40 21.43 -21.05
C ASP C 91 -8.65 21.14 -19.75
N GLN C 92 -8.87 19.96 -19.20
CA GLN C 92 -8.22 19.55 -17.95
C GLN C 92 -6.74 19.22 -18.09
N ASP C 93 -6.21 19.28 -19.31
CA ASP C 93 -4.80 18.93 -19.57
C ASP C 93 -4.66 17.45 -19.22
N LEU C 94 -5.68 16.68 -19.61
CA LEU C 94 -5.77 15.26 -19.29
C LEU C 94 -6.11 14.37 -20.48
N VAL C 95 -5.43 13.22 -20.57
CA VAL C 95 -5.72 12.26 -21.62
C VAL C 95 -5.59 10.89 -20.97
N GLY C 96 -6.27 9.90 -21.52
CA GLY C 96 -6.18 8.56 -20.96
C GLY C 96 -6.38 7.49 -22.01
N TRP C 97 -5.53 6.47 -21.96
CA TRP C 97 -5.60 5.34 -22.89
C TRP C 97 -5.97 4.14 -22.04
N PRO C 98 -6.19 2.99 -22.67
CA PRO C 98 -6.53 1.83 -21.85
C PRO C 98 -5.20 1.44 -21.19
N ALA C 99 -5.23 1.08 -19.91
CA ALA C 99 -3.99 0.73 -19.20
C ALA C 99 -3.17 -0.27 -19.99
N PRO C 100 -1.87 -0.01 -20.15
CA PRO C 100 -0.97 -0.91 -20.90
C PRO C 100 -0.67 -2.18 -20.11
N GLN C 101 0.24 -3.00 -20.64
CA GLN C 101 0.64 -4.22 -19.97
C GLN C 101 1.73 -3.96 -18.92
N GLY C 102 1.88 -4.87 -17.97
CA GLY C 102 2.89 -4.70 -16.94
C GLY C 102 2.56 -3.54 -16.04
N SER C 103 1.28 -3.21 -15.96
CA SER C 103 0.81 -2.12 -15.15
C SER C 103 -0.29 -2.61 -14.22
N ARG C 104 -0.45 -1.93 -13.09
CA ARG C 104 -1.49 -2.24 -12.13
C ARG C 104 -2.07 -0.87 -11.76
N SER C 105 -3.37 -0.83 -11.54
CA SER C 105 -4.01 0.42 -11.21
C SER C 105 -3.94 0.85 -9.77
N LEU C 106 -3.89 2.17 -9.62
CA LEU C 106 -3.83 2.85 -8.35
C LEU C 106 -5.26 3.11 -7.91
N THR C 107 -5.44 3.23 -6.60
CA THR C 107 -6.77 3.48 -6.04
C THR C 107 -6.98 4.95 -5.69
N PRO C 108 -8.16 5.50 -5.99
CA PRO C 108 -8.41 6.91 -5.66
C PRO C 108 -8.46 7.18 -4.13
N CYS C 109 -8.11 8.38 -3.68
CA CYS C 109 -8.15 8.70 -2.26
C CYS C 109 -9.59 8.94 -1.83
N THR C 110 -9.91 8.45 -0.63
CA THR C 110 -11.24 8.57 -0.03
C THR C 110 -11.12 9.07 1.42
N CYS C 111 -9.92 9.45 1.83
CA CYS C 111 -9.68 9.92 3.20
C CYS C 111 -9.52 11.41 3.30
N GLY C 112 -9.63 12.09 2.17
CA GLY C 112 -9.49 13.55 2.13
C GLY C 112 -8.26 14.17 2.78
N SER C 113 -7.18 13.41 2.98
CA SER C 113 -5.98 13.94 3.59
C SER C 113 -5.34 15.10 2.82
N SER C 114 -4.66 15.96 3.56
CA SER C 114 -3.97 17.12 3.00
C SER C 114 -2.49 16.85 2.90
N ASP C 115 -2.08 15.69 3.41
CA ASP C 115 -0.68 15.31 3.37
C ASP C 115 -0.42 14.48 2.12
N LEU C 116 0.01 15.14 1.06
CA LEU C 116 0.28 14.51 -0.22
C LEU C 116 1.73 14.11 -0.40
N TYR C 117 2.00 13.25 -1.35
CA TYR C 117 3.36 12.78 -1.64
C TYR C 117 3.48 12.60 -3.14
N LEU C 118 4.38 13.36 -3.74
CA LEU C 118 4.58 13.31 -5.19
C LEU C 118 5.74 12.38 -5.58
N VAL C 119 5.43 11.41 -6.43
CA VAL C 119 6.45 10.48 -6.91
C VAL C 119 6.98 11.01 -8.24
N THR C 120 8.29 11.25 -8.30
CA THR C 120 8.93 11.78 -9.51
C THR C 120 9.27 10.68 -10.51
N ARG C 121 9.84 11.07 -11.65
CA ARG C 121 10.21 10.13 -12.68
C ARG C 121 11.40 9.27 -12.28
N HIS C 122 12.02 9.61 -11.15
CA HIS C 122 13.16 8.86 -10.65
C HIS C 122 12.74 8.11 -9.39
N ALA C 123 11.43 8.00 -9.21
CA ALA C 123 10.87 7.32 -8.05
C ALA C 123 11.17 8.04 -6.74
N ASP C 124 11.56 9.31 -6.83
CA ASP C 124 11.81 10.11 -5.64
C ASP C 124 10.44 10.50 -5.07
N VAL C 125 10.29 10.52 -3.74
CA VAL C 125 9.01 10.91 -3.16
C VAL C 125 9.20 12.29 -2.54
N ILE C 126 8.26 13.19 -2.83
CA ILE C 126 8.31 14.56 -2.35
C ILE C 126 7.06 14.92 -1.55
N PRO C 127 7.21 15.17 -0.23
CA PRO C 127 6.08 15.53 0.63
C PRO C 127 5.50 16.87 0.22
N VAL C 128 4.19 16.88 0.00
CA VAL C 128 3.45 18.06 -0.41
C VAL C 128 2.21 18.27 0.43
N ARG C 129 2.04 19.47 0.96
CA ARG C 129 0.87 19.82 1.76
C ARG C 129 -0.12 20.51 0.83
N ARG C 130 -1.31 19.92 0.70
CA ARG C 130 -2.35 20.44 -0.17
C ARG C 130 -2.84 21.82 0.24
N ARG C 131 -2.86 22.72 -0.73
CA ARG C 131 -3.30 24.09 -0.52
C ARG C 131 -4.69 24.33 -1.09
N GLY C 132 -5.21 23.36 -1.84
CA GLY C 132 -6.53 23.52 -2.42
C GLY C 132 -6.82 22.54 -3.52
N ASP C 133 -8.03 22.63 -4.04
CA ASP C 133 -8.54 21.77 -5.09
C ASP C 133 -7.48 21.21 -6.04
N SER C 134 -6.58 22.06 -6.51
CA SER C 134 -5.57 21.63 -7.44
C SER C 134 -4.20 22.25 -7.23
N ARG C 135 -3.88 22.58 -5.98
CA ARG C 135 -2.58 23.17 -5.70
C ARG C 135 -2.02 22.58 -4.43
N GLY C 136 -0.70 22.51 -4.32
CA GLY C 136 -0.08 21.96 -3.13
C GLY C 136 1.32 22.50 -2.97
N SER C 137 1.75 22.71 -1.73
CA SER C 137 3.07 23.26 -1.48
C SER C 137 4.10 22.21 -1.07
N LEU C 138 5.27 22.21 -1.71
CA LEU C 138 6.30 21.24 -1.34
C LEU C 138 6.71 21.58 0.08
N LEU C 139 6.84 20.58 0.94
CA LEU C 139 7.25 20.84 2.31
C LEU C 139 8.67 21.36 2.33
N SER C 140 9.48 20.90 1.38
CA SER C 140 10.85 21.36 1.22
C SER C 140 11.04 21.59 -0.28
N PRO C 141 11.09 22.87 -0.69
CA PRO C 141 11.26 23.25 -2.11
C PRO C 141 12.46 22.59 -2.74
N ARG C 142 12.34 22.32 -4.03
CA ARG C 142 13.39 21.67 -4.79
C ARG C 142 13.59 22.38 -6.13
N PRO C 143 14.82 22.42 -6.63
CA PRO C 143 15.05 23.08 -7.92
C PRO C 143 14.24 22.35 -8.98
N ILE C 144 13.62 23.11 -9.86
CA ILE C 144 12.78 22.55 -10.91
C ILE C 144 13.32 21.31 -11.62
N SER C 145 14.64 21.22 -11.81
CA SER C 145 15.23 20.07 -12.49
C SER C 145 14.78 18.78 -11.83
N TYR C 146 14.75 18.79 -10.50
CA TYR C 146 14.34 17.65 -9.70
C TYR C 146 12.91 17.19 -10.02
N LEU C 147 12.04 18.11 -10.40
CA LEU C 147 10.66 17.78 -10.74
C LEU C 147 10.40 17.67 -12.23
N LYS C 148 11.38 18.02 -13.05
CA LYS C 148 11.22 17.93 -14.50
C LYS C 148 10.96 16.52 -14.99
N GLY C 149 10.07 16.39 -15.97
CA GLY C 149 9.76 15.10 -16.55
C GLY C 149 8.84 14.21 -15.73
N SER C 150 8.29 14.73 -14.66
CA SER C 150 7.42 13.95 -13.81
C SER C 150 5.93 14.23 -13.97
N SER C 151 5.56 15.16 -14.83
CA SER C 151 4.14 15.47 -15.01
C SER C 151 3.43 14.25 -15.56
N GLY C 152 2.30 13.91 -14.95
CA GLY C 152 1.56 12.74 -15.35
C GLY C 152 1.64 11.82 -14.15
N GLY C 153 2.71 11.97 -13.38
CA GLY C 153 2.93 11.19 -12.18
C GLY C 153 1.79 11.36 -11.18
N PRO C 154 1.78 10.58 -10.09
CA PRO C 154 0.70 10.71 -9.12
C PRO C 154 0.98 11.49 -7.85
N LEU C 155 -0.09 12.03 -7.26
CA LEU C 155 -0.01 12.75 -5.99
C LEU C 155 -0.76 11.80 -5.08
N LEU C 156 -0.03 11.17 -4.17
CA LEU C 156 -0.59 10.18 -3.23
C LEU C 156 -0.94 10.73 -1.86
N CYS C 157 -1.87 10.09 -1.16
CA CYS C 157 -2.22 10.49 0.21
C CYS C 157 -1.40 9.54 1.10
N PRO C 158 -1.38 9.74 2.43
CA PRO C 158 -0.60 8.84 3.31
C PRO C 158 -0.88 7.36 3.23
N ALA C 159 -1.86 6.97 2.42
CA ALA C 159 -2.23 5.58 2.22
C ALA C 159 -1.80 5.11 0.83
N GLY C 160 -1.04 5.94 0.12
CA GLY C 160 -0.60 5.57 -1.21
C GLY C 160 -1.68 5.60 -2.27
N HIS C 161 -2.84 6.19 -1.95
CA HIS C 161 -3.97 6.30 -2.91
C HIS C 161 -3.82 7.59 -3.73
N ALA C 162 -4.31 7.56 -4.97
CA ALA C 162 -4.25 8.68 -5.88
C ALA C 162 -5.17 9.82 -5.47
N VAL C 163 -4.57 10.98 -5.21
CA VAL C 163 -5.30 12.19 -4.84
C VAL C 163 -5.49 13.04 -6.09
N GLY C 164 -4.47 13.03 -6.93
CA GLY C 164 -4.51 13.77 -8.17
C GLY C 164 -3.35 13.34 -9.05
N LEU C 165 -3.26 13.97 -10.21
CA LEU C 165 -2.23 13.67 -11.19
C LEU C 165 -1.39 14.94 -11.35
N PHE C 166 -0.07 14.83 -11.21
CA PHE C 166 0.83 15.99 -11.34
C PHE C 166 0.69 16.67 -12.70
N ARG C 167 0.20 17.90 -12.68
CA ARG C 167 0.01 18.67 -13.91
C ARG C 167 1.22 19.52 -14.31
N ALA C 168 1.65 20.42 -13.42
CA ALA C 168 2.81 21.28 -13.67
C ALA C 168 3.38 21.80 -12.37
N ALA C 169 4.65 22.13 -12.38
CA ALA C 169 5.31 22.65 -11.19
C ALA C 169 5.19 24.17 -11.18
N VAL C 170 4.91 24.74 -10.01
CA VAL C 170 4.79 26.19 -9.83
C VAL C 170 6.07 26.63 -9.13
N CYS C 171 7.02 27.16 -9.90
CA CYS C 171 8.31 27.55 -9.36
C CYS C 171 8.65 29.03 -9.40
N THR C 172 9.42 29.46 -8.41
CA THR C 172 9.84 30.84 -8.30
C THR C 172 11.36 30.88 -8.46
N ARG C 173 11.80 31.38 -9.61
CA ARG C 173 13.23 31.52 -9.88
C ARG C 173 13.97 30.18 -9.98
N GLY C 174 13.35 29.22 -10.66
CA GLY C 174 13.98 27.92 -10.86
C GLY C 174 13.86 26.94 -9.70
N VAL C 175 13.22 27.39 -8.62
CA VAL C 175 13.01 26.54 -7.46
C VAL C 175 11.55 26.24 -7.40
N ALA C 176 11.20 24.96 -7.53
CA ALA C 176 9.82 24.54 -7.45
C ALA C 176 9.48 24.45 -5.97
N LYS C 177 8.44 25.17 -5.56
CA LYS C 177 8.04 25.16 -4.16
C LYS C 177 6.56 24.83 -4.05
N ALA C 178 5.95 24.56 -5.20
CA ALA C 178 4.54 24.21 -5.25
C ALA C 178 4.28 23.43 -6.53
N VAL C 179 3.14 22.73 -6.58
CA VAL C 179 2.77 21.92 -7.74
C VAL C 179 1.30 22.12 -8.06
N ASP C 180 0.97 21.93 -9.32
CA ASP C 180 -0.37 22.06 -9.84
C ASP C 180 -0.79 20.61 -10.15
N PHE C 181 -2.02 20.22 -9.82
CA PHE C 181 -2.46 18.85 -10.11
C PHE C 181 -3.94 18.69 -10.49
N ILE C 182 -4.26 17.59 -11.17
CA ILE C 182 -5.63 17.28 -11.60
C ILE C 182 -6.20 16.31 -10.56
N PRO C 183 -7.22 16.74 -9.79
CA PRO C 183 -7.80 15.86 -8.76
C PRO C 183 -8.39 14.58 -9.35
N VAL C 184 -8.25 13.47 -8.63
CA VAL C 184 -8.80 12.20 -9.11
C VAL C 184 -10.25 12.33 -9.50
N GLU C 185 -10.99 13.17 -8.79
CA GLU C 185 -12.40 13.37 -9.09
C GLU C 185 -12.62 13.74 -10.55
N ASN C 186 -11.73 14.55 -11.09
CA ASN C 186 -11.81 14.97 -12.49
C ASN C 186 -11.67 13.76 -13.39
N LEU C 187 -10.70 12.90 -13.08
CA LEU C 187 -10.50 11.69 -13.86
C LEU C 187 -11.75 10.85 -13.74
N GLU C 188 -12.29 10.79 -12.51
CA GLU C 188 -13.50 10.03 -12.22
C GLU C 188 -14.67 10.54 -13.03
N THR C 189 -14.74 11.86 -13.17
CA THR C 189 -15.80 12.52 -13.91
C THR C 189 -15.67 12.27 -15.41
N THR C 190 -14.43 12.36 -15.91
CA THR C 190 -14.15 12.17 -17.33
C THR C 190 -14.45 10.75 -17.82
N MET C 191 -14.62 9.81 -16.88
CA MET C 191 -14.91 8.43 -17.22
C MET C 191 -16.41 8.17 -17.35
N GLY D 3 2.03 10.45 -34.39
CA GLY D 3 3.07 9.99 -33.43
C GLY D 3 2.47 9.05 -32.39
N SER D 4 3.33 8.43 -31.58
CA SER D 4 2.88 7.51 -30.54
C SER D 4 3.70 7.68 -29.27
N VAL D 5 3.02 7.57 -28.13
CA VAL D 5 3.66 7.69 -26.84
C VAL D 5 4.13 6.27 -26.53
N VAL D 6 5.42 6.12 -26.22
CA VAL D 6 5.97 4.81 -25.91
C VAL D 6 6.43 4.74 -24.45
N ILE D 7 6.22 3.59 -23.82
CA ILE D 7 6.60 3.37 -22.44
C ILE D 7 8.05 2.95 -22.40
N VAL D 8 8.86 3.75 -21.75
CA VAL D 8 10.29 3.46 -21.65
C VAL D 8 10.67 2.90 -20.31
N GLY D 9 9.71 2.82 -19.39
CA GLY D 9 10.02 2.28 -18.09
C GLY D 9 8.77 2.22 -17.25
N ARG D 10 8.91 1.72 -16.02
CA ARG D 10 7.81 1.59 -15.09
C ARG D 10 8.29 1.79 -13.67
N ILE D 11 7.39 2.30 -12.84
CA ILE D 11 7.67 2.54 -11.43
C ILE D 11 6.66 1.77 -10.58
N VAL D 12 7.16 0.92 -9.68
CA VAL D 12 6.30 0.18 -8.77
C VAL D 12 6.32 0.93 -7.44
N LEU D 13 5.18 1.51 -7.06
CA LEU D 13 5.12 2.30 -5.84
C LEU D 13 5.51 1.63 -4.53
N SER D 14 5.24 0.34 -4.38
CA SER D 14 5.58 -0.37 -3.15
C SER D 14 7.01 -0.84 -3.15
N GLY D 15 7.71 -0.61 -4.24
CA GLY D 15 9.10 -1.06 -4.31
C GLY D 15 9.22 -2.57 -4.33
N LYS D 16 8.22 -3.24 -4.88
CA LYS D 16 8.22 -4.71 -4.94
C LYS D 16 9.29 -5.22 -5.91
N PRO D 17 10.23 -6.03 -5.39
CA PRO D 17 11.31 -6.59 -6.19
C PRO D 17 10.78 -7.72 -7.07
N ALA D 18 11.47 -7.96 -8.18
CA ALA D 18 11.09 -9.02 -9.11
C ALA D 18 11.24 -10.40 -8.48
ZN ZN E . 1.60 7.86 15.09
C1 BN6 F . -18.21 -10.34 14.20
O2 BN6 F . -18.09 -11.29 14.98
O3 BN6 F . -18.69 -9.05 14.51
C4 BN6 F . -18.82 -8.54 15.88
C5 BN6 F . -17.79 -7.52 16.39
C6 BN6 F . -17.33 -6.55 15.33
C7 BN6 F . -16.62 -8.19 17.07
N8 BN6 F . -17.93 -10.44 12.89
C9 BN6 F . -17.39 -11.66 12.30
C10 BN6 F . -17.57 -11.63 10.77
C11 BN6 F . -16.88 -12.83 10.10
C12 BN6 F . -19.06 -11.70 10.41
C13 BN6 F . -17.11 -12.88 8.59
C14 BN6 F . -19.33 -11.73 8.91
C15 BN6 F . -18.60 -12.90 8.25
C16 BN6 F . -15.90 -11.64 12.65
O17 BN6 F . -15.17 -10.73 12.21
N18 BN6 F . -15.45 -12.61 13.45
C20 BN6 F . -13.36 -13.09 12.53
O21 BN6 F . -13.75 -14.03 11.83
C22 BN6 F . -13.49 -12.87 14.98
C23 BN6 F . -14.58 -12.87 16.06
C24 BN6 F . -14.65 -11.65 16.96
C25 BN6 F . -14.15 -12.99 17.52
N26 BN6 F . -12.25 -12.41 12.27
C27 BN6 F . -11.64 -12.45 10.95
C28 BN6 F . -11.84 -11.11 10.21
C29 BN6 F . -13.04 -11.28 9.27
C30 BN6 F . -13.26 -10.28 8.14
C31 BN6 F . -14.13 -10.21 9.41
O32 BN6 F . -9.95 -13.90 11.98
C33 BN6 F . -10.12 -12.80 11.02
O34 BN6 F . -9.58 -12.76 8.66
C37 BN6 F . -10.14 -16.02 7.58
N40 BN6 F . -9.76 -17.13 6.95
C41 BN6 F . -10.50 -17.73 5.85
C42 BN6 F . -10.34 -16.95 4.50
C43 BN6 F . -9.07 -16.45 4.04
C44 BN6 F . -11.46 -16.73 3.68
C45 BN6 F . -8.92 -15.80 2.81
C46 BN6 F . -11.31 -16.06 2.45
C47 BN6 F . -10.05 -15.60 2.02
C48 BN6 F . -10.02 -19.18 5.70
O49 BN6 F . -8.86 -19.47 5.99
O50 BN6 F . -10.80 -20.04 5.30
N19 BN6 F . -14.04 -12.70 13.63
N35 BN6 F . -9.93 -14.75 9.63
C36 BN6 F . -9.21 -15.59 8.69
O38 BN6 F . -11.17 -15.38 7.28
C39 BN6 F . -9.84 -13.42 9.64
ZN ZN G . -6.47 8.67 1.13
#